data_5RZ9
#
_entry.id   5RZ9
#
_cell.length_a   38.550
_cell.length_b   77.540
_cell.length_c   99.500
_cell.angle_alpha   90.000
_cell.angle_beta   90.000
_cell.angle_gamma   90.000
#
_symmetry.space_group_name_H-M   'P 21 21 21'
#
loop_
_entity.id
_entity.type
_entity.pdbx_description
1 polymer 'Isoform 2 of Band 4.1-like protein 3'
2 non-polymer ~{N}-(4-hydroxyphenyl)-2-methoxy-ethanamide
3 non-polymer 'DIMETHYL SULFOXIDE'
4 non-polymer 1,2-ETHANEDIOL
5 water water
#
_entity_poly.entity_id   1
_entity_poly.type   'polypeptide(L)'
_entity_poly.pdbx_seq_one_letter_code
;SMPKSMQCKVILLDGSEYTCDVEKRSRGQVLFDKVCEHLNLLEKDYFGLTYRDAENQKNWLDPAKEIKKQVRSGAWHFSF
NVKFYPPDPAQLSEDITRYYLCLQLRDDIVSGRLPCSFVTLALLGSYTVQSELGDYDPDECGSDYISEFRFAPNHTKELE
DKVIELHKSHRGMTPAEAEMHFLENAKKLSMYGVDLHHAKDSEGVEIMLGVCASGLLIYRDRLRINRFAWPKVLKISYKR
NNFYIKIRPGEFEQFESTIGFKLPNHRAAKRLWKVCVEHHTFFRLL
;
_entity_poly.pdbx_strand_id   A
#
loop_
_chem_comp.id
_chem_comp.type
_chem_comp.name
_chem_comp.formula
DMS non-polymer 'DIMETHYL SULFOXIDE' 'C2 H6 O S'
EDO non-polymer 1,2-ETHANEDIOL 'C2 H6 O2'
GT4 non-polymer ~{N}-(4-hydroxyphenyl)-2-methoxy-ethanamide 'C9 H11 N O3'
#
# COMPACT_ATOMS: atom_id res chain seq x y z
N PRO A 3 1.75 -35.34 -9.19
CA PRO A 3 1.22 -34.12 -8.53
C PRO A 3 1.40 -32.87 -9.42
N LYS A 4 0.30 -32.38 -9.97
CA LYS A 4 0.32 -31.34 -11.03
C LYS A 4 0.61 -29.95 -10.46
N SER A 5 1.54 -29.23 -11.09
N SER A 5 1.58 -29.27 -11.07
CA SER A 5 2.02 -27.92 -10.61
CA SER A 5 2.06 -27.93 -10.70
C SER A 5 1.69 -26.81 -11.62
C SER A 5 1.39 -26.88 -11.60
N MET A 6 1.28 -25.64 -11.12
CA MET A 6 0.88 -24.48 -11.94
C MET A 6 2.02 -23.47 -11.85
N GLN A 7 2.38 -22.91 -12.98
CA GLN A 7 3.35 -21.82 -13.09
C GLN A 7 2.73 -20.53 -12.53
N CYS A 8 3.43 -19.87 -11.62
CA CYS A 8 3.03 -18.57 -11.04
C CYS A 8 4.03 -17.52 -11.48
N LYS A 9 3.54 -16.34 -11.87
CA LYS A 9 4.38 -15.19 -12.21
C LYS A 9 4.02 -14.06 -11.23
N VAL A 10 5.03 -13.54 -10.55
CA VAL A 10 4.84 -12.49 -9.51
C VAL A 10 5.65 -11.28 -9.93
N ILE A 11 5.00 -10.12 -10.06
CA ILE A 11 5.71 -8.83 -10.27
C ILE A 11 6.21 -8.39 -8.90
N LEU A 12 7.52 -8.26 -8.77
CA LEU A 12 8.18 -7.81 -7.52
C LEU A 12 8.23 -6.29 -7.48
N LEU A 13 8.50 -5.71 -6.32
CA LEU A 13 8.42 -4.25 -6.15
C LEU A 13 9.50 -3.51 -6.97
N ASP A 14 10.60 -4.17 -7.35
CA ASP A 14 11.63 -3.55 -8.24
C ASP A 14 11.21 -3.65 -9.71
N GLY A 15 10.00 -4.12 -10.02
CA GLY A 15 9.47 -4.22 -11.41
C GLY A 15 9.90 -5.48 -12.14
N SER A 16 10.73 -6.32 -11.53
CA SER A 16 11.12 -7.62 -12.14
C SER A 16 10.04 -8.67 -11.86
N GLU A 17 10.17 -9.81 -12.54
CA GLU A 17 9.19 -10.94 -12.54
C GLU A 17 9.84 -12.17 -11.90
N TYR A 18 9.24 -12.70 -10.84
CA TYR A 18 9.63 -14.00 -10.26
C TYR A 18 8.65 -15.06 -10.76
N THR A 19 9.17 -16.20 -11.20
CA THR A 19 8.41 -17.36 -11.72
C THR A 19 8.69 -18.56 -10.82
N CYS A 20 7.65 -19.24 -10.34
CA CYS A 20 7.81 -20.50 -9.58
C CYS A 20 6.61 -21.39 -9.88
N ASP A 21 6.62 -22.58 -9.33
CA ASP A 21 5.57 -23.59 -9.55
C ASP A 21 5.00 -23.92 -8.17
N VAL A 22 3.71 -24.08 -8.05
CA VAL A 22 3.09 -24.66 -6.83
C VAL A 22 2.12 -25.76 -7.27
N GLU A 23 1.86 -26.73 -6.40
CA GLU A 23 0.81 -27.75 -6.64
C GLU A 23 -0.53 -26.99 -6.91
N LYS A 24 -1.31 -27.43 -7.89
CA LYS A 24 -2.48 -26.65 -8.41
C LYS A 24 -3.54 -26.45 -7.30
N ARG A 25 -3.57 -27.29 -6.26
CA ARG A 25 -4.50 -27.13 -5.11
C ARG A 25 -3.81 -26.35 -3.97
N SER A 26 -2.66 -25.75 -4.20
CA SER A 26 -1.95 -24.96 -3.15
C SER A 26 -2.80 -23.80 -2.61
N ARG A 27 -2.68 -23.56 -1.30
CA ARG A 27 -3.22 -22.35 -0.61
C ARG A 27 -2.31 -21.17 -0.93
N GLY A 28 -2.80 -19.94 -0.79
CA GLY A 28 -2.00 -18.75 -1.16
C GLY A 28 -0.71 -18.68 -0.34
N GLN A 29 -0.74 -19.14 0.93
CA GLN A 29 0.45 -19.07 1.84
C GLN A 29 1.65 -19.74 1.18
N VAL A 30 1.42 -20.84 0.46
CA VAL A 30 2.51 -21.63 -0.21
C VAL A 30 3.28 -20.69 -1.13
N LEU A 31 2.59 -20.04 -2.08
CA LEU A 31 3.23 -19.12 -3.05
C LEU A 31 3.87 -17.94 -2.28
N PHE A 32 3.17 -17.37 -1.32
CA PHE A 32 3.65 -16.20 -0.54
C PHE A 32 4.99 -16.58 0.14
N ASP A 33 5.07 -17.76 0.73
CA ASP A 33 6.31 -18.20 1.47
C ASP A 33 7.45 -18.29 0.44
N LYS A 34 7.18 -18.83 -0.76
CA LYS A 34 8.22 -18.94 -1.84
C LYS A 34 8.71 -17.53 -2.22
N VAL A 35 7.79 -16.56 -2.37
CA VAL A 35 8.20 -15.21 -2.83
C VAL A 35 9.02 -14.53 -1.73
N CYS A 36 8.58 -14.63 -0.48
CA CYS A 36 9.26 -14.05 0.68
C CYS A 36 10.64 -14.67 0.85
N GLU A 37 10.78 -15.98 0.67
CA GLU A 37 12.12 -16.63 0.72
C GLU A 37 13.01 -16.04 -0.40
N HIS A 38 12.50 -15.95 -1.63
CA HIS A 38 13.25 -15.34 -2.75
C HIS A 38 13.73 -13.94 -2.34
N LEU A 39 12.90 -13.18 -1.62
CA LEU A 39 13.18 -11.75 -1.32
C LEU A 39 14.05 -11.64 -0.05
N ASN A 40 14.37 -12.75 0.62
CA ASN A 40 15.07 -12.78 1.95
C ASN A 40 14.28 -11.94 2.96
N LEU A 41 12.95 -12.08 2.94
CA LEU A 41 12.07 -11.28 3.81
C LEU A 41 11.55 -12.16 4.94
N LEU A 42 11.85 -11.73 6.18
CA LEU A 42 11.42 -12.40 7.42
C LEU A 42 10.20 -11.70 8.00
N GLU A 43 10.12 -10.37 7.92
CA GLU A 43 8.98 -9.63 8.51
C GLU A 43 7.84 -9.62 7.50
N LYS A 44 7.25 -10.78 7.28
CA LYS A 44 6.29 -11.05 6.16
C LYS A 44 4.88 -10.50 6.46
N ASP A 45 4.55 -10.24 7.74
CA ASP A 45 3.21 -9.85 8.22
C ASP A 45 2.67 -8.59 7.53
N TYR A 46 3.54 -7.70 7.06
CA TYR A 46 3.17 -6.41 6.43
C TYR A 46 2.79 -6.56 4.95
N PHE A 47 3.02 -7.72 4.36
CA PHE A 47 2.98 -7.89 2.88
C PHE A 47 1.97 -8.96 2.47
N GLY A 48 1.70 -9.00 1.18
CA GLY A 48 0.77 -9.96 0.59
C GLY A 48 0.94 -9.96 -0.90
N LEU A 49 0.18 -10.83 -1.54
CA LEU A 49 0.12 -10.91 -3.01
C LEU A 49 -1.25 -10.43 -3.45
N THR A 50 -1.27 -9.70 -4.55
CA THR A 50 -2.52 -9.23 -5.18
C THR A 50 -2.66 -9.96 -6.49
N TYR A 51 -3.89 -10.10 -6.95
CA TYR A 51 -4.20 -10.55 -8.31
C TYR A 51 -5.34 -9.66 -8.82
N ARG A 52 -5.59 -9.73 -10.12
CA ARG A 52 -6.68 -8.98 -10.79
C ARG A 52 -7.80 -9.97 -11.07
N ASP A 53 -9.02 -9.67 -10.62
CA ASP A 53 -10.20 -10.57 -10.79
C ASP A 53 -10.75 -10.35 -12.20
N ALA A 54 -11.85 -11.05 -12.52
CA ALA A 54 -12.50 -11.03 -13.86
C ALA A 54 -13.03 -9.62 -14.17
N GLU A 55 -13.24 -8.79 -13.14
CA GLU A 55 -13.67 -7.37 -13.31
C GLU A 55 -12.44 -6.43 -13.40
N ASN A 56 -11.22 -6.99 -13.40
CA ASN A 56 -9.89 -6.28 -13.41
C ASN A 56 -9.67 -5.47 -12.13
N GLN A 57 -10.32 -5.85 -11.02
CA GLN A 57 -10.10 -5.21 -9.69
C GLN A 57 -8.95 -5.94 -9.00
N LYS A 58 -8.10 -5.20 -8.31
CA LYS A 58 -7.06 -5.74 -7.40
C LYS A 58 -7.74 -6.40 -6.21
N ASN A 59 -7.37 -7.64 -5.95
CA ASN A 59 -7.79 -8.42 -4.77
C ASN A 59 -6.55 -8.88 -4.03
N TRP A 60 -6.62 -8.97 -2.71
CA TRP A 60 -5.58 -9.68 -1.92
C TRP A 60 -5.78 -11.18 -2.09
N LEU A 61 -4.71 -11.92 -2.38
CA LEU A 61 -4.68 -13.39 -2.34
C LEU A 61 -4.78 -13.81 -0.88
N ASP A 62 -5.85 -14.51 -0.53
CA ASP A 62 -6.04 -14.99 0.86
C ASP A 62 -5.12 -16.17 1.07
N PRO A 63 -4.15 -16.06 1.99
CA PRO A 63 -3.16 -17.11 2.17
C PRO A 63 -3.76 -18.41 2.69
N ALA A 64 -4.94 -18.33 3.30
CA ALA A 64 -5.60 -19.51 3.90
C ALA A 64 -6.44 -20.27 2.87
N LYS A 65 -6.73 -19.69 1.70
CA LYS A 65 -7.64 -20.32 0.70
C LYS A 65 -6.87 -20.80 -0.52
N GLU A 66 -7.43 -21.77 -1.25
CA GLU A 66 -6.77 -22.30 -2.45
C GLU A 66 -6.57 -21.15 -3.44
N ILE A 67 -5.43 -21.12 -4.11
CA ILE A 67 -5.15 -20.13 -5.16
C ILE A 67 -6.18 -20.26 -6.29
N LYS A 68 -6.47 -21.49 -6.73
CA LYS A 68 -7.39 -21.70 -7.89
C LYS A 68 -8.78 -21.18 -7.55
N LYS A 69 -9.23 -21.16 -6.29
CA LYS A 69 -10.62 -20.72 -5.98
C LYS A 69 -10.70 -19.20 -5.86
N GLN A 70 -9.56 -18.53 -5.99
CA GLN A 70 -9.51 -17.05 -5.99
C GLN A 70 -9.26 -16.55 -7.41
N VAL A 71 -8.23 -17.02 -8.08
CA VAL A 71 -7.90 -16.54 -9.46
C VAL A 71 -8.97 -17.09 -10.43
N ARG A 72 -9.60 -18.21 -10.06
CA ARG A 72 -10.76 -18.82 -10.77
C ARG A 72 -10.39 -18.98 -12.24
N SER A 73 -10.96 -18.16 -13.11
CA SER A 73 -10.83 -18.26 -14.59
C SER A 73 -9.56 -17.53 -15.05
N GLY A 74 -8.99 -16.67 -14.20
CA GLY A 74 -7.83 -15.83 -14.55
C GLY A 74 -6.47 -16.53 -14.53
N ALA A 75 -5.47 -15.82 -15.05
CA ALA A 75 -4.06 -16.27 -15.11
C ALA A 75 -3.48 -16.28 -13.69
N TRP A 76 -2.48 -17.08 -13.47
CA TRP A 76 -1.79 -17.19 -12.15
C TRP A 76 -0.66 -16.16 -12.14
N HIS A 77 -1.09 -14.91 -12.18
CA HIS A 77 -0.25 -13.70 -12.26
C HIS A 77 -0.56 -12.85 -11.03
N PHE A 78 0.48 -12.39 -10.36
CA PHE A 78 0.29 -11.74 -9.04
C PHE A 78 1.25 -10.56 -8.96
N SER A 79 1.04 -9.68 -8.01
CA SER A 79 2.08 -8.69 -7.61
C SER A 79 2.38 -8.88 -6.14
N PHE A 80 3.60 -8.58 -5.74
CA PHE A 80 4.02 -8.56 -4.32
C PHE A 80 3.90 -7.13 -3.80
N ASN A 81 3.15 -6.92 -2.73
CA ASN A 81 2.81 -5.56 -2.25
C ASN A 81 2.78 -5.46 -0.73
N VAL A 82 2.90 -4.24 -0.26
CA VAL A 82 2.66 -3.94 1.16
C VAL A 82 1.16 -4.00 1.37
N LYS A 83 0.73 -4.77 2.35
CA LYS A 83 -0.69 -4.91 2.72
C LYS A 83 -1.00 -3.97 3.89
N PHE A 84 -0.19 -4.01 4.93
CA PHE A 84 -0.35 -3.19 6.16
C PHE A 84 0.84 -2.24 6.26
N TYR A 85 0.60 -0.94 6.06
CA TYR A 85 1.68 0.07 6.08
C TYR A 85 1.97 0.40 7.54
N PRO A 86 3.17 0.09 8.08
CA PRO A 86 3.43 0.34 9.50
C PRO A 86 3.42 1.83 9.80
N PRO A 87 2.68 2.31 10.82
CA PRO A 87 2.68 3.73 11.11
C PRO A 87 4.05 4.23 11.56
N ASP A 88 4.86 3.35 12.13
CA ASP A 88 6.23 3.72 12.56
C ASP A 88 7.23 2.73 12.01
N PRO A 89 7.72 2.97 10.78
CA PRO A 89 8.66 2.05 10.14
C PRO A 89 9.95 1.89 10.93
N ALA A 90 10.31 2.85 11.78
CA ALA A 90 11.54 2.77 12.60
C ALA A 90 11.44 1.55 13.50
N GLN A 91 10.23 1.06 13.79
CA GLN A 91 10.06 -0.08 14.72
C GLN A 91 10.19 -1.42 14.02
N LEU A 92 10.23 -1.46 12.68
CA LEU A 92 10.48 -2.75 11.98
C LEU A 92 11.87 -3.23 12.37
N SER A 93 12.05 -4.55 12.51
CA SER A 93 13.30 -5.11 13.06
C SER A 93 14.39 -5.18 11.97
N GLU A 94 14.03 -5.20 10.68
CA GLU A 94 15.07 -5.35 9.64
C GLU A 94 15.04 -4.20 8.63
N ASP A 95 16.25 -3.84 8.19
CA ASP A 95 16.49 -2.88 7.11
C ASP A 95 15.84 -3.42 5.83
N ILE A 96 15.87 -4.72 5.57
CA ILE A 96 15.35 -5.21 4.25
C ILE A 96 13.84 -5.01 4.22
N THR A 97 13.17 -5.06 5.37
CA THR A 97 11.71 -4.80 5.47
C THR A 97 11.49 -3.37 5.03
N ARG A 98 12.31 -2.46 5.57
CA ARG A 98 12.14 -1.01 5.29
C ARG A 98 12.41 -0.74 3.80
N TYR A 99 13.40 -1.46 3.24
CA TYR A 99 13.74 -1.39 1.80
C TYR A 99 12.52 -1.71 0.94
N TYR A 100 11.86 -2.84 1.16
CA TYR A 100 10.65 -3.22 0.39
C TYR A 100 9.55 -2.19 0.61
N LEU A 101 9.41 -1.68 1.84
CA LEU A 101 8.38 -0.64 2.13
C LEU A 101 8.70 0.62 1.30
N CYS A 102 9.96 1.01 1.17
CA CYS A 102 10.39 2.15 0.32
C CYS A 102 9.96 1.88 -1.14
N LEU A 103 10.32 0.70 -1.66
CA LEU A 103 9.99 0.39 -3.07
C LEU A 103 8.48 0.54 -3.28
N GLN A 104 7.66 0.02 -2.37
CA GLN A 104 6.18 0.12 -2.51
C GLN A 104 5.80 1.59 -2.55
N LEU A 105 6.34 2.37 -1.62
CA LEU A 105 5.98 3.78 -1.48
C LEU A 105 6.40 4.56 -2.71
N ARG A 106 7.56 4.26 -3.29
CA ARG A 106 7.99 4.91 -4.55
C ARG A 106 6.95 4.68 -5.65
N ASP A 107 6.36 3.48 -5.75
CA ASP A 107 5.28 3.17 -6.72
C ASP A 107 3.99 3.87 -6.32
N ASP A 108 3.68 3.94 -5.04
CA ASP A 108 2.51 4.70 -4.56
C ASP A 108 2.64 6.16 -5.03
N ILE A 109 3.85 6.73 -4.95
CA ILE A 109 4.04 8.15 -5.33
C ILE A 109 3.96 8.31 -6.84
N VAL A 110 4.75 7.55 -7.62
CA VAL A 110 4.82 7.71 -9.11
C VAL A 110 3.41 7.52 -9.70
N SER A 111 2.65 6.59 -9.12
CA SER A 111 1.31 6.16 -9.59
C SER A 111 0.27 7.24 -9.27
N GLY A 112 0.55 8.12 -8.31
CA GLY A 112 -0.38 9.17 -7.86
C GLY A 112 -1.31 8.71 -6.75
N ARG A 113 -1.19 7.46 -6.26
CA ARG A 113 -1.98 6.97 -5.10
C ARG A 113 -1.63 7.75 -3.85
N LEU A 114 -0.40 8.26 -3.74
CA LEU A 114 0.10 8.93 -2.52
C LEU A 114 0.49 10.35 -2.93
N PRO A 115 -0.44 11.31 -2.86
CA PRO A 115 -0.18 12.67 -3.30
C PRO A 115 0.90 13.23 -2.39
N CYS A 116 1.69 14.16 -2.94
N CYS A 116 1.80 14.01 -3.00
CA CYS A 116 2.93 14.65 -2.31
CA CYS A 116 2.95 14.69 -2.33
C CYS A 116 3.26 16.05 -2.85
C CYS A 116 3.05 16.13 -2.82
N SER A 117 3.62 17.00 -1.98
CA SER A 117 4.06 18.36 -2.36
C SER A 117 5.33 18.23 -3.21
N PHE A 118 5.59 19.25 -4.02
CA PHE A 118 6.87 19.43 -4.75
C PHE A 118 8.07 19.14 -3.84
N VAL A 119 8.15 19.81 -2.70
CA VAL A 119 9.34 19.73 -1.81
C VAL A 119 9.49 18.30 -1.30
N THR A 120 8.39 17.65 -0.89
CA THR A 120 8.46 16.26 -0.40
C THR A 120 8.79 15.28 -1.51
N LEU A 121 8.23 15.40 -2.72
CA LEU A 121 8.70 14.60 -3.88
C LEU A 121 10.23 14.72 -4.04
N ALA A 122 10.78 15.93 -4.02
CA ALA A 122 12.23 16.17 -4.21
C ALA A 122 13.01 15.56 -3.03
N LEU A 123 12.49 15.68 -1.81
CA LEU A 123 13.20 15.14 -0.63
C LEU A 123 13.21 13.61 -0.65
N LEU A 124 12.06 12.99 -0.87
CA LEU A 124 11.95 11.50 -1.03
C LEU A 124 12.86 11.04 -2.18
N GLY A 125 12.84 11.73 -3.33
CA GLY A 125 13.70 11.45 -4.45
C GLY A 125 15.17 11.46 -4.04
N SER A 126 15.60 12.54 -3.35
CA SER A 126 17.00 12.72 -2.91
C SER A 126 17.46 11.54 -2.02
N TYR A 127 16.59 11.03 -1.14
CA TYR A 127 16.92 9.86 -0.29
C TYR A 127 17.06 8.59 -1.15
N THR A 128 16.14 8.38 -2.09
CA THR A 128 16.23 7.23 -3.02
C THR A 128 17.58 7.30 -3.76
N VAL A 129 17.93 8.45 -4.32
CA VAL A 129 19.21 8.56 -5.08
C VAL A 129 20.38 8.25 -4.13
N GLN A 130 20.39 8.81 -2.91
CA GLN A 130 21.49 8.59 -1.95
C GLN A 130 21.59 7.09 -1.68
N SER A 131 20.45 6.45 -1.40
N SER A 131 20.45 6.44 -1.45
CA SER A 131 20.37 5.00 -1.11
CA SER A 131 20.35 5.00 -1.10
C SER A 131 20.96 4.22 -2.29
C SER A 131 20.78 4.13 -2.28
N GLU A 132 20.54 4.57 -3.51
CA GLU A 132 20.89 3.75 -4.71
C GLU A 132 22.21 4.10 -5.38
N LEU A 133 22.62 5.37 -5.44
CA LEU A 133 23.89 5.75 -6.12
C LEU A 133 24.93 6.06 -5.07
N GLY A 134 24.54 6.34 -3.83
CA GLY A 134 25.50 6.83 -2.84
C GLY A 134 25.70 8.33 -2.97
N ASP A 135 26.88 8.81 -2.62
CA ASP A 135 27.17 10.26 -2.47
C ASP A 135 27.03 10.96 -3.81
N TYR A 136 26.53 12.19 -3.80
CA TYR A 136 26.42 13.06 -4.98
C TYR A 136 27.78 13.13 -5.69
N ASP A 137 27.76 12.91 -7.00
CA ASP A 137 28.94 13.11 -7.89
C ASP A 137 28.55 14.04 -9.02
N PRO A 138 29.27 15.17 -9.20
CA PRO A 138 28.98 16.09 -10.31
C PRO A 138 29.32 15.58 -11.71
N ASP A 139 30.09 14.49 -11.79
CA ASP A 139 30.64 13.91 -13.05
C ASP A 139 29.52 13.24 -13.82
N GLU A 140 28.54 12.66 -13.11
CA GLU A 140 27.32 12.05 -13.68
C GLU A 140 26.34 13.14 -14.11
N CYS A 141 26.04 14.08 -13.20
CA CYS A 141 24.96 15.08 -13.33
C CYS A 141 25.53 16.46 -13.69
N GLY A 142 25.18 16.97 -14.87
CA GLY A 142 25.42 18.37 -15.27
C GLY A 142 24.19 19.20 -15.05
N SER A 143 24.19 20.45 -15.54
CA SER A 143 23.05 21.42 -15.43
C SER A 143 21.83 20.88 -16.18
N ASP A 144 22.00 19.94 -17.12
CA ASP A 144 20.90 19.38 -17.94
C ASP A 144 20.52 17.94 -17.52
N TYR A 145 20.84 17.51 -16.30
CA TYR A 145 20.66 16.10 -15.85
C TYR A 145 19.18 15.77 -15.57
N ILE A 146 18.78 14.59 -16.02
CA ILE A 146 17.47 13.94 -15.71
C ILE A 146 17.71 12.48 -15.28
N SER A 147 17.42 12.17 -14.00
CA SER A 147 17.59 10.84 -13.38
C SER A 147 16.77 9.80 -14.13
N GLU A 148 17.28 8.57 -14.20
CA GLU A 148 16.49 7.42 -14.72
C GLU A 148 15.36 7.17 -13.72
N PHE A 149 15.55 7.63 -12.47
CA PHE A 149 14.62 7.35 -11.35
C PHE A 149 13.39 8.20 -11.66
N ARG A 150 12.28 7.49 -11.57
CA ARG A 150 10.90 8.00 -11.52
C ARG A 150 10.65 8.38 -10.07
N PHE A 151 10.32 9.64 -9.86
CA PHE A 151 10.10 10.30 -8.55
C PHE A 151 8.67 10.76 -8.34
N ALA A 152 7.88 10.96 -9.39
CA ALA A 152 6.60 11.70 -9.30
C ALA A 152 5.74 11.32 -10.47
N PRO A 153 4.42 11.50 -10.36
CA PRO A 153 3.52 11.20 -11.46
C PRO A 153 3.80 12.09 -12.67
N ASN A 154 4.31 13.30 -12.45
CA ASN A 154 4.69 14.25 -13.53
C ASN A 154 6.05 14.86 -13.18
N HIS A 155 7.04 14.59 -14.02
CA HIS A 155 8.42 15.09 -13.82
C HIS A 155 8.58 16.45 -14.50
N THR A 156 9.24 17.37 -13.81
CA THR A 156 9.67 18.67 -14.35
C THR A 156 11.17 18.83 -14.15
N LYS A 157 11.79 19.69 -14.96
CA LYS A 157 13.23 19.99 -14.79
C LYS A 157 13.48 20.56 -13.40
N GLU A 158 12.60 21.43 -12.90
CA GLU A 158 12.72 22.04 -11.56
C GLU A 158 12.72 20.95 -10.49
N LEU A 159 11.95 19.87 -10.68
CA LEU A 159 11.88 18.77 -9.68
C LEU A 159 13.24 18.05 -9.70
N GLU A 160 13.76 17.77 -10.88
CA GLU A 160 15.06 17.08 -11.05
C GLU A 160 16.14 17.91 -10.39
N ASP A 161 16.09 19.23 -10.57
CA ASP A 161 17.10 20.14 -9.98
C ASP A 161 17.04 20.05 -8.45
N LYS A 162 15.85 19.99 -7.89
CA LYS A 162 15.69 20.05 -6.42
C LYS A 162 16.16 18.72 -5.83
N VAL A 163 15.84 17.59 -6.47
CA VAL A 163 16.42 16.28 -6.08
C VAL A 163 17.94 16.40 -5.96
N ILE A 164 18.63 16.92 -6.96
CA ILE A 164 20.11 17.02 -6.93
C ILE A 164 20.55 17.93 -5.78
N GLU A 165 19.90 19.09 -5.61
CA GLU A 165 20.31 20.05 -4.57
C GLU A 165 20.21 19.34 -3.21
N LEU A 166 19.15 18.56 -2.96
CA LEU A 166 18.98 17.88 -1.66
C LEU A 166 19.92 16.67 -1.60
N HIS A 167 20.17 16.01 -2.72
CA HIS A 167 21.13 14.88 -2.78
C HIS A 167 22.50 15.36 -2.27
N LYS A 168 22.91 16.54 -2.68
CA LYS A 168 24.23 17.08 -2.28
C LYS A 168 24.36 17.12 -0.77
N SER A 169 23.26 17.40 -0.05
CA SER A 169 23.24 17.58 1.41
C SER A 169 23.41 16.22 2.11
N HIS A 170 23.25 15.08 1.44
CA HIS A 170 23.21 13.76 2.13
C HIS A 170 24.56 13.03 2.09
N ARG A 171 25.67 13.72 1.79
CA ARG A 171 27.00 13.05 1.71
C ARG A 171 27.26 12.23 2.97
N GLY A 172 27.74 10.98 2.81
CA GLY A 172 28.13 10.05 3.88
C GLY A 172 26.95 9.24 4.40
N MET A 173 25.75 9.45 3.84
CA MET A 173 24.56 8.73 4.31
C MET A 173 24.59 7.32 3.72
N THR A 174 24.34 6.32 4.55
CA THR A 174 24.32 4.91 4.10
C THR A 174 22.92 4.56 3.56
N PRO A 175 22.81 3.49 2.75
CA PRO A 175 21.52 3.09 2.19
C PRO A 175 20.45 2.95 3.26
N ALA A 176 20.75 2.23 4.34
CA ALA A 176 19.76 1.98 5.43
C ALA A 176 19.31 3.31 6.04
N GLU A 177 20.25 4.23 6.22
CA GLU A 177 20.01 5.56 6.83
C GLU A 177 19.10 6.42 5.91
N ALA A 178 19.40 6.44 4.61
CA ALA A 178 18.61 7.19 3.59
C ALA A 178 17.18 6.60 3.54
N GLU A 179 17.07 5.27 3.56
CA GLU A 179 15.74 4.59 3.53
C GLU A 179 14.96 4.95 4.79
N MET A 180 15.62 5.04 5.94
CA MET A 180 14.90 5.39 7.18
C MET A 180 14.40 6.83 7.05
N HIS A 181 15.21 7.75 6.52
CA HIS A 181 14.81 9.17 6.33
C HIS A 181 13.64 9.23 5.33
N PHE A 182 13.72 8.43 4.30
CA PHE A 182 12.64 8.36 3.27
C PHE A 182 11.34 8.07 4.02
N LEU A 183 11.35 7.02 4.82
CA LEU A 183 10.18 6.55 5.57
C LEU A 183 9.72 7.55 6.64
N GLU A 184 10.63 8.21 7.35
CA GLU A 184 10.25 9.23 8.37
C GLU A 184 9.43 10.35 7.71
N ASN A 185 9.74 10.71 6.47
CA ASN A 185 8.98 11.72 5.70
C ASN A 185 7.70 11.10 5.13
N ALA A 186 7.80 9.96 4.45
CA ALA A 186 6.65 9.37 3.72
C ALA A 186 5.50 9.08 4.69
N LYS A 187 5.83 8.61 5.90
CA LYS A 187 4.84 8.15 6.92
C LYS A 187 3.93 9.31 7.34
N LYS A 188 4.34 10.55 7.13
CA LYS A 188 3.59 11.75 7.61
C LYS A 188 2.58 12.22 6.57
N LEU A 189 2.69 11.76 5.33
CA LEU A 189 1.79 12.19 4.24
C LEU A 189 0.36 11.78 4.60
N SER A 190 -0.58 12.67 4.36
CA SER A 190 -1.99 12.47 4.77
C SER A 190 -2.56 11.20 4.13
N MET A 191 -2.06 10.72 2.98
CA MET A 191 -2.62 9.50 2.34
C MET A 191 -1.70 8.28 2.52
N TYR A 192 -0.71 8.36 3.39
CA TYR A 192 0.18 7.19 3.65
C TYR A 192 -0.62 5.97 4.12
N GLY A 193 -0.47 4.87 3.39
CA GLY A 193 -1.10 3.56 3.69
C GLY A 193 -2.62 3.60 3.68
N VAL A 194 -3.22 4.56 2.96
CA VAL A 194 -4.70 4.72 2.85
C VAL A 194 -5.14 3.96 1.60
N ASP A 195 -5.92 2.90 1.78
CA ASP A 195 -6.53 2.10 0.69
C ASP A 195 -7.90 2.72 0.38
N LEU A 196 -8.06 3.37 -0.79
CA LEU A 196 -9.29 4.12 -1.17
C LEU A 196 -10.29 3.23 -1.93
N HIS A 197 -11.55 3.33 -1.54
CA HIS A 197 -12.69 2.62 -2.18
C HIS A 197 -13.75 3.67 -2.56
N HIS A 198 -14.09 3.78 -3.84
CA HIS A 198 -15.27 4.55 -4.33
C HIS A 198 -16.57 4.01 -3.70
N ALA A 199 -17.44 4.91 -3.27
CA ALA A 199 -18.72 4.55 -2.63
C ALA A 199 -19.69 5.72 -2.71
N LYS A 200 -20.95 5.46 -2.34
CA LYS A 200 -22.00 6.48 -2.16
C LYS A 200 -22.50 6.38 -0.72
N ASP A 201 -22.80 7.53 -0.14
CA ASP A 201 -23.36 7.59 1.24
C ASP A 201 -24.84 7.22 1.12
N SER A 202 -25.53 7.15 2.27
CA SER A 202 -26.98 6.83 2.38
C SER A 202 -27.85 7.77 1.54
N GLU A 203 -27.32 8.91 1.08
CA GLU A 203 -28.09 9.89 0.27
C GLU A 203 -27.73 9.78 -1.23
N GLY A 204 -26.82 8.88 -1.61
CA GLY A 204 -26.37 8.73 -3.02
C GLY A 204 -25.24 9.67 -3.40
N VAL A 205 -24.69 10.46 -2.46
CA VAL A 205 -23.56 11.39 -2.73
C VAL A 205 -22.28 10.54 -2.82
N GLU A 206 -21.49 10.73 -3.87
CA GLU A 206 -20.25 9.98 -4.15
C GLU A 206 -19.20 10.40 -3.13
N ILE A 207 -18.61 9.41 -2.45
CA ILE A 207 -17.53 9.62 -1.46
C ILE A 207 -16.41 8.64 -1.80
N MET A 208 -15.31 8.74 -1.05
CA MET A 208 -14.26 7.71 -0.98
C MET A 208 -14.16 7.27 0.47
N LEU A 209 -14.01 5.96 0.66
CA LEU A 209 -13.75 5.34 1.97
C LEU A 209 -12.27 4.92 1.99
N GLY A 210 -11.49 5.40 2.96
CA GLY A 210 -10.08 5.03 3.08
C GLY A 210 -9.90 4.06 4.24
N VAL A 211 -9.16 2.97 4.01
CA VAL A 211 -8.87 2.02 5.10
C VAL A 211 -7.38 2.17 5.45
N CYS A 212 -7.07 2.34 6.72
CA CYS A 212 -5.66 2.47 7.13
C CYS A 212 -5.53 2.10 8.60
N ALA A 213 -4.31 2.16 9.12
CA ALA A 213 -3.95 1.81 10.51
C ALA A 213 -4.89 2.48 11.50
N SER A 214 -5.21 3.76 11.33
CA SER A 214 -5.88 4.54 12.41
C SER A 214 -7.38 4.26 12.35
N GLY A 215 -7.90 3.91 11.18
CA GLY A 215 -9.34 3.57 11.10
C GLY A 215 -9.89 3.64 9.70
N LEU A 216 -11.16 3.98 9.64
CA LEU A 216 -11.89 4.13 8.38
C LEU A 216 -12.10 5.64 8.18
N LEU A 217 -11.68 6.16 7.04
CA LEU A 217 -11.82 7.60 6.73
C LEU A 217 -12.91 7.73 5.66
N ILE A 218 -13.72 8.79 5.77
CA ILE A 218 -14.78 9.14 4.78
C ILE A 218 -14.45 10.51 4.18
N TYR A 219 -13.98 10.53 2.93
CA TYR A 219 -13.66 11.74 2.16
C TYR A 219 -14.90 12.16 1.36
N ARG A 220 -15.70 13.08 1.92
CA ARG A 220 -16.91 13.64 1.26
C ARG A 220 -16.43 14.65 0.20
N ASP A 221 -15.47 15.50 0.59
CA ASP A 221 -14.57 16.27 -0.31
C ASP A 221 -13.44 16.83 0.55
N ARG A 222 -12.77 17.89 0.12
CA ARG A 222 -11.61 18.51 0.83
C ARG A 222 -12.13 19.15 2.13
N LEU A 223 -13.36 19.69 2.11
CA LEU A 223 -14.05 20.26 3.29
C LEU A 223 -15.16 19.29 3.73
N ARG A 224 -14.96 18.57 4.85
CA ARG A 224 -15.86 17.57 5.47
C ARG A 224 -15.24 16.17 5.34
N ILE A 225 -14.33 15.82 6.25
CA ILE A 225 -13.68 14.47 6.31
C ILE A 225 -13.98 13.83 7.67
N ASN A 226 -14.84 12.79 7.66
CA ASN A 226 -15.23 12.00 8.86
C ASN A 226 -14.18 10.90 9.05
N ARG A 227 -13.87 10.58 10.31
CA ARG A 227 -12.85 9.57 10.71
C ARG A 227 -13.44 8.68 11.81
N PHE A 228 -13.31 7.36 11.65
CA PHE A 228 -13.74 6.35 12.65
C PHE A 228 -12.53 5.49 13.02
N ALA A 229 -11.92 5.80 14.19
CA ALA A 229 -10.80 5.05 14.77
C ALA A 229 -11.30 3.63 14.98
N TRP A 230 -10.45 2.63 14.77
CA TRP A 230 -10.84 1.22 15.00
C TRP A 230 -11.53 1.11 16.36
N PRO A 231 -11.04 1.78 17.43
CA PRO A 231 -11.76 1.84 18.71
C PRO A 231 -13.26 2.20 18.64
N LYS A 232 -13.64 3.15 17.77
CA LYS A 232 -14.99 3.76 17.71
C LYS A 232 -15.92 2.94 16.80
N VAL A 233 -15.37 2.13 15.88
CA VAL A 233 -16.18 1.22 15.00
C VAL A 233 -16.41 -0.08 15.78
N LEU A 234 -17.66 -0.37 16.18
CA LEU A 234 -17.94 -1.59 16.99
C LEU A 234 -18.15 -2.79 16.07
N LYS A 235 -18.93 -2.65 14.99
CA LYS A 235 -19.27 -3.78 14.09
C LYS A 235 -19.20 -3.34 12.62
N ILE A 236 -18.75 -4.30 11.80
CA ILE A 236 -18.64 -4.21 10.32
C ILE A 236 -19.58 -5.25 9.72
N SER A 237 -20.05 -5.03 8.49
CA SER A 237 -20.88 -6.02 7.74
C SER A 237 -20.95 -5.63 6.28
N TYR A 238 -21.46 -6.53 5.44
CA TYR A 238 -21.84 -6.25 4.04
C TYR A 238 -23.00 -7.16 3.64
N LYS A 239 -23.96 -6.58 2.89
CA LYS A 239 -25.17 -7.26 2.38
C LYS A 239 -25.51 -6.67 1.02
N ARG A 240 -25.53 -7.51 -0.02
CA ARG A 240 -25.78 -7.11 -1.44
C ARG A 240 -24.73 -6.07 -1.84
N ASN A 241 -25.13 -4.87 -2.30
CA ASN A 241 -24.21 -3.80 -2.79
C ASN A 241 -23.77 -2.91 -1.63
N ASN A 242 -24.18 -3.21 -0.40
CA ASN A 242 -24.13 -2.23 0.72
C ASN A 242 -23.11 -2.66 1.78
N PHE A 243 -22.34 -1.67 2.25
CA PHE A 243 -21.35 -1.79 3.35
C PHE A 243 -21.81 -0.90 4.53
N TYR A 244 -22.03 -1.57 5.70
CA TYR A 244 -22.53 -0.94 6.95
C TYR A 244 -21.41 -0.93 8.00
N ILE A 245 -21.31 0.17 8.76
CA ILE A 245 -20.43 0.23 9.96
C ILE A 245 -21.29 0.62 11.18
N LYS A 246 -21.13 -0.14 12.26
CA LYS A 246 -21.80 0.05 13.58
C LYS A 246 -20.81 0.81 14.49
N ILE A 247 -21.12 2.08 14.74
CA ILE A 247 -20.30 3.06 15.53
C ILE A 247 -20.71 3.02 17.00
N ARG A 248 -19.82 2.53 17.87
CA ARG A 248 -20.10 2.26 19.32
C ARG A 248 -20.76 3.49 19.94
N PRO A 249 -21.66 3.31 20.93
CA PRO A 249 -22.34 4.43 21.56
C PRO A 249 -21.32 5.34 22.28
N GLY A 250 -21.41 6.65 22.06
CA GLY A 250 -20.81 7.65 22.93
C GLY A 250 -21.19 7.42 24.39
N GLU A 251 -20.37 7.87 25.33
CA GLU A 251 -20.68 7.78 26.77
C GLU A 251 -22.11 8.26 26.98
N PHE A 252 -22.91 7.53 27.74
CA PHE A 252 -24.27 7.96 28.18
C PHE A 252 -25.27 7.91 27.02
N GLU A 253 -24.85 7.50 25.81
CA GLU A 253 -25.80 7.26 24.68
C GLU A 253 -26.32 5.83 24.85
N GLN A 254 -27.61 5.60 24.56
CA GLN A 254 -28.28 4.31 24.83
C GLN A 254 -27.90 3.27 23.76
N PHE A 255 -27.68 3.71 22.51
CA PHE A 255 -27.61 2.81 21.32
C PHE A 255 -26.41 3.14 20.43
N GLU A 256 -25.78 2.08 19.93
CA GLU A 256 -24.86 2.09 18.76
C GLU A 256 -25.54 2.79 17.58
N SER A 257 -24.79 3.49 16.73
CA SER A 257 -25.32 4.13 15.49
C SER A 257 -24.85 3.31 14.26
N THR A 258 -25.61 3.33 13.16
CA THR A 258 -25.27 2.54 11.95
C THR A 258 -25.05 3.49 10.79
N ILE A 259 -23.95 3.30 10.06
CA ILE A 259 -23.67 4.11 8.85
C ILE A 259 -23.56 3.13 7.68
N GLY A 260 -24.35 3.40 6.65
CA GLY A 260 -24.51 2.54 5.48
C GLY A 260 -23.88 3.20 4.29
N PHE A 261 -23.18 2.44 3.47
CA PHE A 261 -22.65 2.92 2.19
C PHE A 261 -23.06 2.00 1.05
N LYS A 262 -23.18 2.56 -0.14
CA LYS A 262 -23.47 1.82 -1.39
C LYS A 262 -22.17 1.66 -2.17
N LEU A 263 -21.80 0.42 -2.45
CA LEU A 263 -20.60 0.14 -3.29
C LEU A 263 -21.08 -0.16 -4.72
N PRO A 264 -20.15 -0.10 -5.70
CA PRO A 264 -20.49 -0.32 -7.12
C PRO A 264 -21.20 -1.66 -7.37
N ASN A 265 -20.82 -2.70 -6.64
CA ASN A 265 -21.35 -4.08 -6.85
C ASN A 265 -21.08 -4.88 -5.61
N HIS A 266 -21.59 -6.10 -5.57
CA HIS A 266 -21.51 -6.97 -4.37
C HIS A 266 -20.05 -7.34 -4.08
N ARG A 267 -19.24 -7.57 -5.12
CA ARG A 267 -17.82 -7.96 -4.96
C ARG A 267 -17.05 -6.78 -4.36
N ALA A 268 -17.38 -5.55 -4.75
CA ALA A 268 -16.76 -4.32 -4.22
C ALA A 268 -17.11 -4.16 -2.72
N ALA A 269 -18.34 -4.46 -2.31
CA ALA A 269 -18.76 -4.39 -0.90
C ALA A 269 -18.01 -5.45 -0.09
N LYS A 270 -17.90 -6.68 -0.60
CA LYS A 270 -17.22 -7.79 0.13
C LYS A 270 -15.73 -7.46 0.30
N ARG A 271 -15.08 -7.00 -0.74
CA ARG A 271 -13.63 -6.64 -0.77
C ARG A 271 -13.35 -5.56 0.30
N LEU A 272 -14.17 -4.52 0.34
CA LEU A 272 -14.04 -3.43 1.34
C LEU A 272 -14.24 -4.00 2.74
N TRP A 273 -15.26 -4.84 2.93
CA TRP A 273 -15.51 -5.52 4.22
C TRP A 273 -14.25 -6.26 4.67
N LYS A 274 -13.66 -7.03 3.76
CA LYS A 274 -12.56 -7.97 4.13
C LYS A 274 -11.32 -7.17 4.51
N VAL A 275 -10.96 -6.16 3.72
CA VAL A 275 -9.77 -5.30 3.98
C VAL A 275 -9.98 -4.56 5.31
N CYS A 276 -11.19 -4.11 5.63
CA CYS A 276 -11.49 -3.46 6.93
C CYS A 276 -11.32 -4.44 8.09
N VAL A 277 -11.87 -5.65 8.00
CA VAL A 277 -11.75 -6.69 9.06
C VAL A 277 -10.27 -6.94 9.27
N GLU A 278 -9.52 -7.07 8.17
CA GLU A 278 -8.07 -7.40 8.25
C GLU A 278 -7.30 -6.26 8.88
N HIS A 279 -7.54 -5.02 8.46
CA HIS A 279 -6.90 -3.83 9.08
C HIS A 279 -7.24 -3.80 10.58
N HIS A 280 -8.53 -3.97 10.94
CA HIS A 280 -8.93 -3.90 12.36
C HIS A 280 -8.15 -4.94 13.16
N THR A 281 -8.10 -6.19 12.70
CA THR A 281 -7.36 -7.25 13.43
C THR A 281 -5.89 -6.86 13.55
N PHE A 282 -5.28 -6.46 12.45
CA PHE A 282 -3.81 -6.23 12.42
C PHE A 282 -3.47 -5.09 13.37
N PHE A 283 -4.22 -4.00 13.29
CA PHE A 283 -3.83 -2.75 13.98
C PHE A 283 -4.38 -2.75 15.41
N ARG A 284 -5.37 -3.59 15.72
CA ARG A 284 -5.75 -3.97 17.13
C ARG A 284 -4.57 -4.66 17.84
N LEU A 285 -3.78 -5.49 17.13
CA LEU A 285 -2.74 -6.36 17.73
C LEU A 285 -1.36 -5.67 17.72
N LEU A 286 -1.03 -4.99 16.62
CA LEU A 286 0.33 -4.46 16.34
C LEU A 286 0.85 -3.79 17.62
N1 GT4 B . -15.14 -6.92 12.37
C4 GT4 B . -14.84 -5.65 12.90
C5 GT4 B . -15.25 -5.28 14.18
C6 GT4 B . -14.91 -4.04 14.70
C7 GT4 B . -14.16 -3.17 13.91
C8 GT4 B . -13.75 -3.50 12.60
C1 GT4 B . -15.36 -10.84 11.33
O1 GT4 B . -15.36 -9.53 11.85
C2 GT4 B . -16.59 -8.83 11.69
C3 GT4 B . -16.42 -7.42 12.26
O2 GT4 B . -17.43 -6.77 12.58
C9 GT4 B . -14.10 -4.76 12.10
O3 GT4 B . -13.83 -2.02 14.53
S DMS C . 5.94 -2.68 -9.97
O DMS C . 5.98 -2.19 -8.53
C1 DMS C . 4.56 -1.84 -10.73
C2 DMS C . 7.25 -1.83 -10.82
S DMS D . -3.27 9.17 8.37
O DMS D . -2.58 10.46 8.09
C1 DMS D . -2.88 8.09 7.02
C2 DMS D . -4.99 9.43 8.02
C1 EDO E . 19.10 -5.59 10.99
O1 EDO E . 18.66 -5.29 9.66
C2 EDO E . 19.38 -4.37 11.80
O2 EDO E . 18.39 -3.33 11.77
C1 EDO F . -1.24 -1.04 -5.20
O1 EDO F . -0.17 -1.52 -6.01
C2 EDO F . -1.10 -1.50 -3.81
O2 EDO F . -1.46 -2.86 -3.63
C1 EDO G . -5.83 5.33 -4.55
O1 EDO G . -6.50 4.49 -5.49
C2 EDO G . -5.15 4.62 -3.41
O2 EDO G . -5.97 3.76 -2.60
C1 EDO H . 11.98 4.14 -11.01
O1 EDO H . 13.23 4.22 -11.62
C2 EDO H . 12.01 4.56 -9.59
O2 EDO H . 10.75 4.75 -8.93
C1 EDO I . -20.20 -10.69 -12.40
O1 EDO I . -20.06 -11.22 -13.71
C2 EDO I . -19.03 -10.92 -11.51
O2 EDO I . -19.33 -11.47 -10.22
C1 EDO J . -1.66 2.89 -1.72
O1 EDO J . -1.27 1.96 -2.70
C2 EDO J . -2.17 2.26 -0.49
O2 EDO J . -2.95 1.12 -0.77
#